data_6ZT4
#
_entry.id   6ZT4
#
_cell.length_a   31.006
_cell.length_b   85.731
_cell.length_c   66.336
_cell.angle_alpha   90.000
_cell.angle_beta   92.400
_cell.angle_gamma   90.000
#
_symmetry.space_group_name_H-M   'P 1 21 1'
#
loop_
_entity.id
_entity.type
_entity.pdbx_description
1 polymer 'Pentapeptide repeat protein MfpA'
2 non-polymer 1,2-ETHANEDIOL
3 water water
#
_entity_poly.entity_id   1
_entity_poly.type   'polypeptide(L)'
_entity_poly.pdbx_seq_one_letter_code
;SMRIGANGDETVWADEEFAGRDFRDEDLSRIRTERVVFTECDFSGVDLSESEHHGSAFRNCTFRRSTIWHSTFTNCSLLG
SVFTECRIRPVTFVECDFTLAVLGGCDLRAVDLSDCRLREVSLVGADLRKAVLRRADLTGSRVQDARLEEADLRGTRVDP
TFWTTAKVRGAKIDIEQALAYAAAHGLAVHGG
;
_entity_poly.pdbx_strand_id   A,B
#
# COMPACT_ATOMS: atom_id res chain seq x y z
N THR A 11 21.01 -43.30 -16.82
CA THR A 11 22.25 -42.83 -16.10
C THR A 11 21.85 -42.26 -14.74
N VAL A 12 22.40 -42.83 -13.67
CA VAL A 12 22.13 -42.44 -12.25
C VAL A 12 23.46 -42.21 -11.54
N TRP A 13 23.75 -40.99 -11.08
CA TRP A 13 24.92 -40.64 -10.24
C TRP A 13 24.45 -40.49 -8.79
N ALA A 14 25.19 -41.07 -7.85
CA ALA A 14 24.84 -41.04 -6.41
C ALA A 14 26.09 -40.88 -5.56
N ASP A 15 25.99 -40.07 -4.49
CA ASP A 15 26.99 -39.95 -3.39
C ASP A 15 28.37 -39.69 -3.99
N GLU A 16 28.43 -38.80 -4.96
CA GLU A 16 29.67 -38.39 -5.68
C GLU A 16 29.84 -36.89 -5.45
N GLU A 17 31.08 -36.42 -5.58
CA GLU A 17 31.38 -34.97 -5.65
C GLU A 17 32.14 -34.70 -6.95
N PHE A 18 31.67 -33.74 -7.74
CA PHE A 18 32.33 -33.22 -8.96
C PHE A 18 32.70 -31.76 -8.71
N ALA A 19 33.96 -31.39 -8.83
CA ALA A 19 34.44 -30.00 -8.72
C ALA A 19 35.18 -29.60 -10.01
N GLY A 20 34.90 -28.40 -10.49
CA GLY A 20 35.59 -27.74 -11.61
C GLY A 20 35.47 -28.53 -12.90
N ARG A 21 34.32 -29.20 -13.10
CA ARG A 21 34.06 -30.05 -14.29
CA ARG A 21 34.07 -30.05 -14.29
C ARG A 21 33.43 -29.17 -15.38
N ASP A 22 33.84 -29.38 -16.62
CA ASP A 22 33.28 -28.73 -17.83
C ASP A 22 32.27 -29.70 -18.42
N PHE A 23 30.98 -29.37 -18.36
CA PHE A 23 29.87 -30.18 -18.96
C PHE A 23 29.31 -29.48 -20.19
N ARG A 24 29.94 -28.39 -20.64
CA ARG A 24 29.34 -27.47 -21.64
C ARG A 24 28.79 -28.25 -22.83
N ASP A 25 27.56 -27.88 -23.22
CA ASP A 25 26.83 -28.34 -24.43
C ASP A 25 26.74 -29.86 -24.45
N GLU A 26 26.91 -30.54 -23.32
CA GLU A 26 26.68 -32.01 -23.18
C GLU A 26 25.18 -32.27 -23.05
N ASP A 27 24.76 -33.45 -23.48
CA ASP A 27 23.36 -33.92 -23.39
C ASP A 27 23.23 -34.73 -22.09
N LEU A 28 22.73 -34.09 -21.05
CA LEU A 28 22.48 -34.72 -19.73
C LEU A 28 20.97 -34.89 -19.55
N SER A 29 20.20 -34.95 -20.65
CA SER A 29 18.72 -35.09 -20.53
C SER A 29 18.42 -36.40 -19.80
N ARG A 30 17.45 -36.35 -18.87
CA ARG A 30 16.93 -37.52 -18.12
C ARG A 30 17.95 -38.16 -17.21
N ILE A 31 19.06 -37.50 -16.91
N ILE A 31 19.07 -37.50 -16.91
CA ILE A 31 20.02 -38.01 -15.89
CA ILE A 31 20.01 -38.04 -15.88
C ILE A 31 19.32 -37.91 -14.52
C ILE A 31 19.32 -37.92 -14.52
N ARG A 32 19.65 -38.83 -13.62
CA ARG A 32 19.19 -38.78 -12.21
C ARG A 32 20.42 -38.61 -11.30
N THR A 33 20.37 -37.70 -10.31
CA THR A 33 21.42 -37.53 -9.28
C THR A 33 20.77 -37.63 -7.91
N GLU A 34 21.42 -38.35 -7.02
CA GLU A 34 20.98 -38.55 -5.61
C GLU A 34 22.19 -38.26 -4.73
N ARG A 35 22.08 -37.17 -3.94
CA ARG A 35 23.14 -36.69 -3.02
C ARG A 35 24.46 -36.54 -3.80
N VAL A 36 24.42 -35.90 -4.95
CA VAL A 36 25.63 -35.49 -5.71
C VAL A 36 25.93 -34.01 -5.41
N VAL A 37 27.20 -33.67 -5.16
CA VAL A 37 27.68 -32.27 -5.00
C VAL A 37 28.40 -31.88 -6.28
N PHE A 38 27.91 -30.82 -6.94
CA PHE A 38 28.61 -30.15 -8.06
C PHE A 38 29.14 -28.82 -7.53
N THR A 39 30.45 -28.63 -7.50
CA THR A 39 31.09 -27.35 -7.09
C THR A 39 31.80 -26.72 -8.29
N GLU A 40 31.37 -25.50 -8.65
CA GLU A 40 31.99 -24.69 -9.73
C GLU A 40 32.06 -25.49 -11.04
N CYS A 41 30.97 -26.19 -11.37
CA CYS A 41 30.80 -26.94 -12.63
C CYS A 41 30.09 -26.06 -13.66
N ASP A 42 30.49 -26.23 -14.92
CA ASP A 42 30.05 -25.41 -16.06
C ASP A 42 29.01 -26.22 -16.84
N PHE A 43 27.74 -25.87 -16.66
CA PHE A 43 26.59 -26.50 -17.36
C PHE A 43 26.07 -25.54 -18.46
N SER A 44 26.89 -24.58 -18.88
CA SER A 44 26.52 -23.61 -19.96
C SER A 44 26.06 -24.40 -21.19
N GLY A 45 24.86 -24.08 -21.69
CA GLY A 45 24.28 -24.68 -22.90
C GLY A 45 23.95 -26.16 -22.77
N VAL A 46 23.94 -26.73 -21.57
CA VAL A 46 23.68 -28.19 -21.38
C VAL A 46 22.18 -28.42 -21.54
N ASP A 47 21.80 -29.54 -22.13
CA ASP A 47 20.40 -30.05 -22.04
C ASP A 47 20.31 -30.90 -20.76
N LEU A 48 19.64 -30.37 -19.73
CA LEU A 48 19.30 -31.11 -18.49
C LEU A 48 17.78 -31.34 -18.42
N SER A 49 17.10 -31.31 -19.58
CA SER A 49 15.64 -31.49 -19.62
C SER A 49 15.29 -32.85 -19.02
N GLU A 50 14.20 -32.85 -18.27
CA GLU A 50 13.55 -34.07 -17.72
C GLU A 50 14.52 -34.79 -16.79
N SER A 51 15.46 -34.08 -16.19
CA SER A 51 16.40 -34.67 -15.21
C SER A 51 15.73 -34.73 -13.84
N GLU A 52 16.35 -35.43 -12.91
CA GLU A 52 15.76 -35.67 -11.58
C GLU A 52 16.90 -35.65 -10.57
N HIS A 53 16.73 -34.82 -9.53
CA HIS A 53 17.77 -34.58 -8.49
C HIS A 53 17.11 -34.67 -7.12
N HIS A 54 17.64 -35.52 -6.25
CA HIS A 54 17.17 -35.67 -4.86
C HIS A 54 18.39 -35.43 -3.96
N GLY A 55 18.38 -34.34 -3.18
CA GLY A 55 19.39 -34.09 -2.13
C GLY A 55 20.74 -33.72 -2.72
N SER A 56 20.75 -33.24 -3.97
CA SER A 56 21.97 -32.83 -4.70
C SER A 56 22.25 -31.35 -4.45
N ALA A 57 23.48 -30.91 -4.70
CA ALA A 57 23.93 -29.51 -4.52
C ALA A 57 24.67 -29.07 -5.77
N PHE A 58 24.29 -27.90 -6.27
CA PHE A 58 24.92 -27.17 -7.39
C PHE A 58 25.41 -25.83 -6.84
N ARG A 59 26.66 -25.81 -6.40
CA ARG A 59 27.25 -24.67 -5.67
C ARG A 59 28.14 -23.85 -6.62
N ASN A 60 27.76 -22.59 -6.85
CA ASN A 60 28.53 -21.65 -7.71
C ASN A 60 28.75 -22.29 -9.08
N CYS A 61 27.74 -23.01 -9.58
CA CYS A 61 27.74 -23.61 -10.94
C CYS A 61 27.13 -22.60 -11.91
N THR A 62 27.39 -22.72 -13.22
CA THR A 62 26.67 -21.86 -14.20
C THR A 62 25.77 -22.75 -15.04
N PHE A 63 24.51 -22.34 -15.12
CA PHE A 63 23.48 -22.93 -15.98
C PHE A 63 23.15 -21.95 -17.12
N ARG A 64 24.04 -21.01 -17.39
CA ARG A 64 23.81 -19.99 -18.45
C ARG A 64 23.43 -20.69 -19.76
N ARG A 65 22.29 -20.31 -20.31
CA ARG A 65 21.79 -20.75 -21.64
C ARG A 65 21.54 -22.26 -21.67
N SER A 66 21.42 -22.90 -20.50
CA SER A 66 21.11 -24.35 -20.39
C SER A 66 19.59 -24.53 -20.46
N THR A 67 19.14 -25.77 -20.53
CA THR A 67 17.70 -26.10 -20.42
C THR A 67 17.51 -27.08 -19.27
N ILE A 68 16.66 -26.75 -18.30
CA ILE A 68 16.35 -27.64 -17.15
C ILE A 68 14.85 -27.95 -17.10
N TRP A 69 14.10 -27.54 -18.11
CA TRP A 69 12.64 -27.67 -18.00
C TRP A 69 12.20 -29.14 -17.88
N HIS A 70 11.06 -29.34 -17.22
CA HIS A 70 10.40 -30.65 -16.96
C HIS A 70 11.30 -31.51 -16.06
N SER A 71 12.30 -30.90 -15.42
CA SER A 71 13.13 -31.57 -14.40
C SER A 71 12.40 -31.57 -13.04
N THR A 72 12.84 -32.44 -12.14
CA THR A 72 12.39 -32.46 -10.73
C THR A 72 13.62 -32.31 -9.85
N PHE A 73 13.60 -31.34 -8.97
CA PHE A 73 14.65 -31.14 -7.94
C PHE A 73 13.99 -31.18 -6.58
N THR A 74 14.32 -32.15 -5.72
CA THR A 74 13.77 -32.21 -4.37
C THR A 74 14.92 -32.08 -3.36
N ASN A 75 14.75 -31.20 -2.36
N ASN A 75 14.74 -31.17 -2.39
CA ASN A 75 15.71 -30.99 -1.24
CA ASN A 75 15.67 -31.00 -1.24
C ASN A 75 17.11 -30.73 -1.83
C ASN A 75 17.08 -30.74 -1.82
N CYS A 76 17.15 -29.92 -2.89
CA CYS A 76 18.41 -29.57 -3.58
C CYS A 76 18.88 -28.18 -3.18
N SER A 77 20.20 -27.96 -3.23
CA SER A 77 20.82 -26.62 -3.09
C SER A 77 21.30 -26.15 -4.47
N LEU A 78 21.00 -24.90 -4.80
CA LEU A 78 21.50 -24.18 -6.01
C LEU A 78 22.41 -23.02 -5.56
N LEU A 79 22.98 -23.10 -4.36
CA LEU A 79 23.76 -22.01 -3.71
C LEU A 79 24.65 -21.28 -4.74
N GLY A 80 24.43 -19.98 -4.93
CA GLY A 80 25.31 -19.10 -5.73
C GLY A 80 25.34 -19.43 -7.22
N SER A 81 24.51 -20.36 -7.70
CA SER A 81 24.54 -20.77 -9.13
C SER A 81 23.87 -19.72 -10.02
N VAL A 82 24.27 -19.68 -11.30
CA VAL A 82 23.87 -18.61 -12.26
C VAL A 82 22.93 -19.23 -13.30
N PHE A 83 21.75 -18.65 -13.44
CA PHE A 83 20.68 -19.20 -14.28
C PHE A 83 20.31 -18.24 -15.42
N THR A 84 21.20 -17.32 -15.75
CA THR A 84 20.97 -16.29 -16.79
C THR A 84 20.61 -17.00 -18.10
N GLU A 85 19.44 -16.66 -18.68
CA GLU A 85 18.94 -17.15 -19.98
C GLU A 85 18.81 -18.67 -19.99
N CYS A 86 18.65 -19.29 -18.82
CA CYS A 86 18.36 -20.73 -18.71
C CYS A 86 16.86 -20.89 -19.01
N ARG A 87 16.49 -21.89 -19.82
CA ARG A 87 15.09 -22.32 -20.01
C ARG A 87 14.75 -23.20 -18.82
N ILE A 88 14.06 -22.60 -17.85
CA ILE A 88 13.75 -23.19 -16.52
C ILE A 88 12.35 -23.79 -16.53
N ARG A 89 11.34 -22.99 -16.89
CA ARG A 89 9.92 -23.34 -16.74
C ARG A 89 9.47 -24.07 -17.99
N PRO A 90 8.52 -25.02 -17.88
CA PRO A 90 8.00 -25.45 -16.58
C PRO A 90 8.94 -26.44 -15.90
N VAL A 91 8.88 -26.51 -14.57
CA VAL A 91 9.85 -27.26 -13.74
C VAL A 91 9.22 -27.58 -12.37
N THR A 92 9.77 -28.54 -11.65
CA THR A 92 9.33 -28.94 -10.29
C THR A 92 10.52 -28.73 -9.35
N PHE A 93 10.39 -27.78 -8.43
CA PHE A 93 11.30 -27.54 -7.28
C PHE A 93 10.50 -27.80 -6.01
N VAL A 94 10.99 -28.71 -5.18
CA VAL A 94 10.38 -29.10 -3.89
C VAL A 94 11.41 -28.80 -2.80
N GLU A 95 11.13 -27.78 -1.98
CA GLU A 95 11.89 -27.48 -0.74
C GLU A 95 13.39 -27.36 -1.10
N CYS A 96 13.69 -26.50 -2.06
CA CYS A 96 15.04 -26.24 -2.56
C CYS A 96 15.58 -24.95 -1.95
N ASP A 97 16.89 -24.83 -1.98
CA ASP A 97 17.63 -23.66 -1.43
C ASP A 97 18.32 -22.94 -2.58
N PHE A 98 17.88 -21.73 -2.90
CA PHE A 98 18.46 -20.90 -3.99
C PHE A 98 19.34 -19.76 -3.46
N THR A 99 19.81 -19.83 -2.21
CA THR A 99 20.57 -18.72 -1.59
C THR A 99 21.63 -18.20 -2.57
N LEU A 100 21.68 -16.89 -2.74
CA LEU A 100 22.68 -16.16 -3.58
C LEU A 100 22.67 -16.63 -5.04
N ALA A 101 21.66 -17.36 -5.51
CA ALA A 101 21.56 -17.70 -6.93
C ALA A 101 21.33 -16.42 -7.74
N VAL A 102 21.68 -16.45 -9.01
CA VAL A 102 21.41 -15.33 -9.96
C VAL A 102 20.32 -15.78 -10.92
N LEU A 103 19.14 -15.16 -10.78
CA LEU A 103 17.95 -15.46 -11.59
C LEU A 103 17.47 -14.18 -12.27
N GLY A 104 18.34 -13.18 -12.40
CA GLY A 104 18.02 -11.92 -13.10
C GLY A 104 17.46 -12.21 -14.48
N GLY A 105 16.30 -11.64 -14.80
CA GLY A 105 15.73 -11.70 -16.15
C GLY A 105 15.12 -13.06 -16.47
N CYS A 106 15.12 -14.01 -15.52
CA CYS A 106 14.61 -15.40 -15.76
C CYS A 106 13.08 -15.42 -15.77
N ASP A 107 12.53 -16.30 -16.59
CA ASP A 107 11.07 -16.52 -16.74
C ASP A 107 10.67 -17.62 -15.75
N LEU A 108 10.06 -17.23 -14.64
CA LEU A 108 9.58 -18.17 -13.59
C LEU A 108 8.06 -18.04 -13.46
N ARG A 109 7.39 -17.67 -14.54
CA ARG A 109 5.91 -17.55 -14.50
C ARG A 109 5.28 -18.87 -14.08
N ALA A 110 4.40 -18.80 -13.10
CA ALA A 110 3.52 -19.91 -12.64
C ALA A 110 4.37 -21.04 -12.07
N VAL A 111 5.63 -20.77 -11.73
CA VAL A 111 6.51 -21.80 -11.10
C VAL A 111 6.19 -21.83 -9.61
N ASP A 112 6.12 -23.03 -9.03
CA ASP A 112 5.90 -23.26 -7.58
C ASP A 112 7.24 -23.34 -6.85
N LEU A 113 7.54 -22.31 -6.07
CA LEU A 113 8.74 -22.21 -5.20
C LEU A 113 8.28 -22.13 -3.76
N SER A 114 7.11 -22.69 -3.44
CA SER A 114 6.60 -22.76 -2.07
C SER A 114 7.67 -23.44 -1.20
N ASP A 115 7.87 -22.93 0.02
CA ASP A 115 8.75 -23.55 1.05
C ASP A 115 10.19 -23.62 0.57
N CYS A 116 10.57 -22.80 -0.39
CA CYS A 116 11.96 -22.69 -0.88
C CYS A 116 12.67 -21.52 -0.20
N ARG A 117 13.97 -21.63 0.00
CA ARG A 117 14.80 -20.54 0.54
C ARG A 117 15.33 -19.74 -0.66
N LEU A 118 14.96 -18.46 -0.75
CA LEU A 118 15.39 -17.55 -1.84
C LEU A 118 16.05 -16.33 -1.22
N ARG A 119 16.94 -16.57 -0.27
CA ARG A 119 17.67 -15.50 0.45
C ARG A 119 18.76 -14.92 -0.44
N GLU A 120 18.82 -13.59 -0.51
CA GLU A 120 19.86 -12.81 -1.24
C GLU A 120 19.98 -13.31 -2.69
N VAL A 121 18.86 -13.73 -3.28
CA VAL A 121 18.82 -14.10 -4.71
C VAL A 121 18.75 -12.81 -5.53
N SER A 122 19.33 -12.81 -6.72
CA SER A 122 19.06 -11.75 -7.71
C SER A 122 17.84 -12.16 -8.53
N LEU A 123 16.76 -11.37 -8.45
CA LEU A 123 15.53 -11.54 -9.26
C LEU A 123 15.32 -10.26 -10.08
N VAL A 124 16.38 -9.50 -10.33
CA VAL A 124 16.27 -8.22 -11.08
C VAL A 124 15.65 -8.55 -12.44
N GLY A 125 14.56 -7.87 -12.77
CA GLY A 125 13.84 -8.05 -14.06
C GLY A 125 13.34 -9.47 -14.24
N ALA A 126 13.30 -10.32 -13.20
CA ALA A 126 12.72 -11.68 -13.27
C ALA A 126 11.21 -11.59 -13.43
N ASP A 127 10.64 -12.56 -14.15
CA ASP A 127 9.18 -12.68 -14.34
C ASP A 127 8.66 -13.80 -13.42
N LEU A 128 7.98 -13.41 -12.35
CA LEU A 128 7.32 -14.37 -11.42
C LEU A 128 5.82 -14.18 -11.44
N ARG A 129 5.24 -13.66 -12.52
CA ARG A 129 3.79 -13.52 -12.57
C ARG A 129 3.13 -14.88 -12.38
N LYS A 130 2.10 -14.90 -11.53
CA LYS A 130 1.29 -16.08 -11.16
C LYS A 130 2.19 -17.16 -10.52
N ALA A 131 3.45 -16.90 -10.20
CA ALA A 131 4.27 -17.87 -9.43
C ALA A 131 3.60 -18.17 -8.08
N VAL A 132 3.88 -19.35 -7.55
CA VAL A 132 3.34 -19.77 -6.22
C VAL A 132 4.53 -19.76 -5.27
N LEU A 133 4.53 -18.80 -4.35
CA LEU A 133 5.65 -18.51 -3.44
C LEU A 133 5.11 -18.52 -2.01
N ARG A 134 4.44 -19.60 -1.63
CA ARG A 134 3.83 -19.71 -0.28
C ARG A 134 4.92 -20.17 0.69
N ARG A 135 5.08 -19.43 1.79
CA ARG A 135 5.98 -19.80 2.90
C ARG A 135 7.43 -19.85 2.44
N ALA A 136 7.79 -19.15 1.36
CA ALA A 136 9.19 -19.01 0.92
C ALA A 136 9.88 -17.93 1.78
N ASP A 137 11.20 -17.85 1.69
CA ASP A 137 12.01 -16.77 2.32
C ASP A 137 12.73 -15.98 1.24
N LEU A 138 12.33 -14.73 1.00
CA LEU A 138 12.90 -13.85 -0.05
C LEU A 138 13.73 -12.71 0.57
N THR A 139 14.06 -12.78 1.84
CA THR A 139 14.79 -11.68 2.53
C THR A 139 16.15 -11.52 1.88
N GLY A 140 16.57 -10.26 1.70
CA GLY A 140 17.88 -9.89 1.15
C GLY A 140 17.89 -9.93 -0.37
N SER A 141 16.81 -10.41 -1.00
N SER A 141 16.80 -10.40 -0.99
CA SER A 141 16.74 -10.60 -2.46
CA SER A 141 16.75 -10.60 -2.46
C SER A 141 16.66 -9.24 -3.16
C SER A 141 16.64 -9.25 -3.17
N ARG A 142 17.20 -9.15 -4.37
CA ARG A 142 17.16 -7.95 -5.21
C ARG A 142 16.00 -8.15 -6.19
N VAL A 143 14.98 -7.32 -6.06
CA VAL A 143 13.70 -7.50 -6.81
C VAL A 143 13.43 -6.24 -7.65
N GLN A 144 14.44 -5.41 -7.93
CA GLN A 144 14.30 -4.28 -8.89
C GLN A 144 13.69 -4.82 -10.18
N ASP A 145 12.58 -4.22 -10.64
CA ASP A 145 11.90 -4.54 -11.93
C ASP A 145 11.38 -5.98 -11.94
N ALA A 146 11.32 -6.69 -10.80
CA ALA A 146 10.72 -8.04 -10.74
C ALA A 146 9.19 -7.94 -10.87
N ARG A 147 8.62 -8.83 -11.67
CA ARG A 147 7.17 -8.90 -11.92
C ARG A 147 6.58 -9.96 -10.98
N LEU A 148 5.78 -9.55 -9.99
CA LEU A 148 5.08 -10.52 -9.11
C LEU A 148 3.57 -10.39 -9.21
N GLU A 149 3.09 -9.80 -10.31
CA GLU A 149 1.64 -9.63 -10.48
C GLU A 149 0.93 -10.99 -10.36
N GLU A 150 -0.10 -11.05 -9.51
CA GLU A 150 -0.98 -12.23 -9.30
C GLU A 150 -0.18 -13.43 -8.77
N ALA A 151 1.03 -13.24 -8.27
CA ALA A 151 1.77 -14.30 -7.54
C ALA A 151 1.05 -14.58 -6.23
N ASP A 152 1.21 -15.79 -5.71
CA ASP A 152 0.69 -16.15 -4.37
C ASP A 152 1.86 -16.03 -3.42
N LEU A 153 1.85 -15.03 -2.55
CA LEU A 153 2.97 -14.72 -1.63
C LEU A 153 2.59 -15.09 -0.19
N ARG A 154 1.43 -15.70 0.03
CA ARG A 154 0.91 -15.92 1.41
C ARG A 154 1.96 -16.70 2.22
N GLY A 155 2.32 -16.19 3.41
CA GLY A 155 3.25 -16.81 4.37
C GLY A 155 4.71 -16.50 4.07
N THR A 156 5.01 -15.81 2.98
CA THR A 156 6.39 -15.59 2.48
C THR A 156 7.01 -14.43 3.22
N ARG A 157 8.25 -14.62 3.69
CA ARG A 157 9.05 -13.56 4.35
C ARG A 157 9.68 -12.70 3.26
N VAL A 158 9.45 -11.39 3.31
CA VAL A 158 10.08 -10.39 2.39
C VAL A 158 10.59 -9.20 3.20
N ASP A 159 11.60 -8.51 2.70
CA ASP A 159 12.04 -7.22 3.28
C ASP A 159 10.93 -6.20 3.09
N PRO A 160 10.74 -5.24 4.02
CA PRO A 160 9.84 -4.10 3.80
C PRO A 160 9.94 -3.50 2.39
N THR A 161 11.17 -3.31 1.89
N THR A 161 11.15 -3.32 1.87
CA THR A 161 11.50 -2.68 0.58
CA THR A 161 11.39 -2.63 0.57
C THR A 161 10.89 -3.49 -0.59
C THR A 161 10.87 -3.49 -0.60
N PHE A 162 10.61 -4.78 -0.39
CA PHE A 162 9.99 -5.67 -1.42
C PHE A 162 8.70 -5.01 -1.92
N TRP A 163 7.90 -4.46 -1.02
CA TRP A 163 6.53 -3.94 -1.30
C TRP A 163 6.57 -2.66 -2.15
N THR A 164 7.70 -1.95 -2.21
CA THR A 164 7.86 -0.68 -2.96
C THR A 164 8.79 -0.92 -4.15
N THR A 165 9.28 -2.14 -4.36
CA THR A 165 10.27 -2.46 -5.41
C THR A 165 9.65 -3.44 -6.42
N ALA A 166 9.12 -4.56 -5.97
CA ALA A 166 8.53 -5.59 -6.85
C ALA A 166 7.15 -5.08 -7.30
N LYS A 167 6.74 -5.47 -8.50
CA LYS A 167 5.39 -5.17 -9.04
C LYS A 167 4.42 -6.22 -8.54
N VAL A 168 3.53 -5.87 -7.61
CA VAL A 168 2.75 -6.88 -6.83
C VAL A 168 1.24 -6.73 -7.07
N ARG A 169 0.82 -5.90 -8.02
CA ARG A 169 -0.64 -5.73 -8.24
C ARG A 169 -1.25 -7.13 -8.43
N GLY A 170 -2.36 -7.41 -7.74
CA GLY A 170 -3.07 -8.69 -7.90
C GLY A 170 -2.47 -9.81 -7.10
N ALA A 171 -1.31 -9.63 -6.49
CA ALA A 171 -0.67 -10.67 -5.65
C ALA A 171 -1.58 -11.02 -4.46
N LYS A 172 -1.60 -12.30 -4.07
CA LYS A 172 -2.33 -12.82 -2.90
C LYS A 172 -1.39 -12.68 -1.71
N ILE A 173 -1.79 -11.94 -0.71
CA ILE A 173 -0.99 -11.72 0.52
C ILE A 173 -1.85 -11.97 1.74
N ASP A 174 -1.21 -12.09 2.89
CA ASP A 174 -1.89 -12.33 4.18
C ASP A 174 -1.93 -11.02 4.96
N ILE A 175 -2.52 -11.07 6.15
CA ILE A 175 -2.76 -9.87 7.01
C ILE A 175 -1.43 -9.21 7.31
N GLU A 176 -0.46 -9.98 7.80
CA GLU A 176 0.86 -9.45 8.22
C GLU A 176 1.51 -8.76 7.03
N GLN A 177 1.45 -9.36 5.85
CA GLN A 177 2.04 -8.77 4.61
C GLN A 177 1.31 -7.45 4.28
N ALA A 178 0.00 -7.39 4.46
CA ALA A 178 -0.80 -6.20 4.12
C ALA A 178 -0.37 -5.05 5.03
N LEU A 179 -0.19 -5.33 6.33
CA LEU A 179 0.25 -4.32 7.33
C LEU A 179 1.63 -3.83 6.90
N ALA A 180 2.52 -4.74 6.51
CA ALA A 180 3.91 -4.42 6.09
C ALA A 180 3.90 -3.59 4.79
N TYR A 181 3.00 -3.91 3.85
CA TYR A 181 2.82 -3.15 2.59
C TYR A 181 2.50 -1.68 2.93
N ALA A 182 1.55 -1.46 3.84
CA ALA A 182 1.13 -0.10 4.26
C ALA A 182 2.31 0.65 4.84
N ALA A 183 3.02 0.01 5.78
CA ALA A 183 4.17 0.59 6.49
C ALA A 183 5.26 0.93 5.49
N ALA A 184 5.51 0.07 4.50
CA ALA A 184 6.58 0.27 3.49
C ALA A 184 6.27 1.50 2.63
N HIS A 185 5.00 1.87 2.52
CA HIS A 185 4.52 3.06 1.76
C HIS A 185 4.45 4.29 2.67
N GLY A 186 4.97 4.23 3.90
CA GLY A 186 5.07 5.41 4.77
C GLY A 186 3.88 5.61 5.71
N LEU A 187 2.91 4.70 5.77
CA LEU A 187 1.80 4.80 6.76
C LEU A 187 2.32 4.39 8.13
N ALA A 188 1.88 5.13 9.16
CA ALA A 188 2.15 4.84 10.59
C ALA A 188 1.02 3.94 11.08
N VAL A 189 1.23 2.63 11.03
CA VAL A 189 0.19 1.62 11.39
C VAL A 189 0.22 1.40 12.91
N HIS A 190 -0.93 1.52 13.59
CA HIS A 190 -1.03 1.41 15.08
C HIS A 190 -1.85 0.18 15.48
N THR B 11 -23.89 40.02 22.09
CA THR B 11 -25.09 39.59 21.32
C THR B 11 -25.18 38.05 21.33
N VAL B 12 -26.34 37.53 21.74
CA VAL B 12 -26.66 36.08 21.78
C VAL B 12 -27.99 35.88 21.06
N TRP B 13 -28.00 35.09 19.99
CA TRP B 13 -29.21 34.61 19.26
C TRP B 13 -29.52 33.17 19.69
N ALA B 14 -30.78 32.87 20.01
CA ALA B 14 -31.17 31.53 20.54
C ALA B 14 -32.53 31.09 20.00
N ASP B 15 -32.68 29.79 19.69
CA ASP B 15 -33.96 29.07 19.43
C ASP B 15 -34.78 29.81 18.38
N GLU B 16 -34.20 30.08 17.21
CA GLU B 16 -34.81 30.90 16.14
C GLU B 16 -34.16 30.57 14.79
N GLU B 17 -34.69 31.09 13.68
CA GLU B 17 -34.31 30.67 12.31
C GLU B 17 -34.15 31.91 11.42
N PHE B 18 -33.07 31.98 10.64
CA PHE B 18 -32.79 33.04 9.62
C PHE B 18 -32.67 32.38 8.24
N ALA B 19 -33.39 32.86 7.23
CA ALA B 19 -33.36 32.31 5.86
C ALA B 19 -33.07 33.41 4.84
N GLY B 20 -32.28 33.08 3.81
CA GLY B 20 -31.99 33.92 2.63
C GLY B 20 -31.47 35.30 2.98
N ARG B 21 -30.78 35.47 4.12
CA ARG B 21 -30.33 36.79 4.63
C ARG B 21 -28.96 37.11 4.00
N ASP B 22 -28.75 38.35 3.57
CA ASP B 22 -27.47 38.85 3.01
C ASP B 22 -26.69 39.49 4.16
N PHE B 23 -25.61 38.85 4.61
CA PHE B 23 -24.75 39.31 5.72
C PHE B 23 -23.42 39.82 5.17
N ARG B 24 -23.28 39.97 3.85
CA ARG B 24 -21.96 40.22 3.21
C ARG B 24 -21.22 41.35 3.92
N ASP B 25 -19.95 41.09 4.22
CA ASP B 25 -18.94 42.03 4.80
C ASP B 25 -19.45 42.65 6.12
N GLU B 26 -20.38 42.01 6.82
CA GLU B 26 -20.90 42.48 8.15
C GLU B 26 -19.93 42.04 9.25
N ASP B 27 -19.92 42.75 10.38
CA ASP B 27 -19.07 42.40 11.55
C ASP B 27 -19.90 41.58 12.54
N LEU B 28 -19.76 40.25 12.50
CA LEU B 28 -20.45 39.33 13.44
C LEU B 28 -19.43 38.75 14.43
N SER B 29 -18.32 39.45 14.67
CA SER B 29 -17.29 38.98 15.64
CA SER B 29 -17.30 38.96 15.64
C SER B 29 -17.94 38.76 17.01
N ARG B 30 -17.58 37.68 17.68
CA ARG B 30 -17.92 37.37 19.11
C ARG B 30 -19.41 37.18 19.32
N ILE B 31 -20.19 36.96 18.26
CA ILE B 31 -21.63 36.63 18.44
C ILE B 31 -21.69 35.21 19.03
N ARG B 32 -22.73 34.93 19.80
CA ARG B 32 -23.04 33.56 20.28
C ARG B 32 -24.39 33.15 19.68
N THR B 33 -24.49 31.92 19.18
CA THR B 33 -25.78 31.28 18.78
C THR B 33 -25.98 29.98 19.57
N GLU B 34 -27.20 29.77 20.02
CA GLU B 34 -27.67 28.53 20.69
C GLU B 34 -28.92 28.06 19.93
N ARG B 35 -28.82 26.93 19.23
CA ARG B 35 -29.92 26.28 18.48
C ARG B 35 -30.53 27.31 17.51
N VAL B 36 -29.69 28.00 16.74
CA VAL B 36 -30.12 28.89 15.61
C VAL B 36 -29.95 28.14 14.29
N VAL B 37 -30.92 28.25 13.37
CA VAL B 37 -30.85 27.68 11.99
C VAL B 37 -30.62 28.84 11.03
N PHE B 38 -29.56 28.77 10.25
CA PHE B 38 -29.29 29.67 9.10
C PHE B 38 -29.48 28.88 7.81
N THR B 39 -30.47 29.26 7.01
CA THR B 39 -30.78 28.59 5.72
C THR B 39 -30.43 29.52 4.56
N GLU B 40 -29.51 29.10 3.69
CA GLU B 40 -29.13 29.79 2.44
C GLU B 40 -28.79 31.26 2.70
N CYS B 41 -28.00 31.55 3.74
CA CYS B 41 -27.51 32.91 4.09
C CYS B 41 -26.17 33.16 3.41
N ASP B 42 -25.92 34.40 2.97
CA ASP B 42 -24.66 34.83 2.26
C ASP B 42 -23.75 35.51 3.29
N PHE B 43 -22.72 34.80 3.73
CA PHE B 43 -21.70 35.28 4.69
C PHE B 43 -20.40 35.65 3.97
N SER B 44 -20.44 35.86 2.65
CA SER B 44 -19.23 36.22 1.85
C SER B 44 -18.53 37.41 2.50
N GLY B 45 -17.24 37.27 2.83
CA GLY B 45 -16.42 38.38 3.36
C GLY B 45 -16.75 38.76 4.80
N VAL B 46 -17.61 38.02 5.50
CA VAL B 46 -18.10 38.40 6.85
C VAL B 46 -17.00 38.09 7.87
N ASP B 47 -16.91 38.91 8.90
CA ASP B 47 -16.04 38.64 10.07
C ASP B 47 -16.86 37.90 11.15
N LEU B 48 -16.60 36.61 11.35
CA LEU B 48 -17.17 35.77 12.43
C LEU B 48 -16.08 35.39 13.43
N SER B 49 -15.03 36.19 13.53
CA SER B 49 -13.92 35.93 14.48
C SER B 49 -14.47 35.73 15.89
N GLU B 50 -14.01 34.70 16.59
CA GLU B 50 -14.26 34.48 18.03
C GLU B 50 -15.75 34.29 18.29
N SER B 51 -16.48 33.78 17.31
CA SER B 51 -17.93 33.50 17.52
C SER B 51 -18.06 32.12 18.17
N GLU B 52 -19.24 31.81 18.65
CA GLU B 52 -19.47 30.59 19.46
C GLU B 52 -20.89 30.10 19.13
N HIS B 53 -21.00 28.83 18.75
CA HIS B 53 -22.26 28.21 18.25
C HIS B 53 -22.46 26.86 18.93
N HIS B 54 -23.60 26.67 19.57
CA HIS B 54 -23.95 25.44 20.31
C HIS B 54 -25.29 24.94 19.73
N GLY B 55 -25.28 23.80 19.04
CA GLY B 55 -26.50 23.16 18.49
C GLY B 55 -27.12 23.93 17.35
N SER B 56 -26.37 24.77 16.65
CA SER B 56 -26.86 25.63 15.53
C SER B 56 -26.68 24.91 14.18
N ALA B 57 -27.29 25.42 13.10
CA ALA B 57 -27.23 24.80 11.75
C ALA B 57 -27.02 25.89 10.68
N PHE B 58 -26.03 25.69 9.81
CA PHE B 58 -25.71 26.54 8.63
C PHE B 58 -25.87 25.70 7.37
N ARG B 59 -27.04 25.79 6.77
CA ARG B 59 -27.46 24.90 5.64
C ARG B 59 -27.33 25.65 4.31
N ASN B 60 -26.45 25.19 3.43
CA ASN B 60 -26.22 25.76 2.08
C ASN B 60 -25.95 27.25 2.19
N CYS B 61 -25.20 27.65 3.21
CA CYS B 61 -24.71 29.04 3.42
C CYS B 61 -23.38 29.23 2.68
N THR B 62 -23.04 30.44 2.27
CA THR B 62 -21.76 30.73 1.56
C THR B 62 -20.82 31.49 2.47
N PHE B 63 -19.63 30.95 2.75
CA PHE B 63 -18.64 31.57 3.63
C PHE B 63 -17.42 31.97 2.83
N ARG B 64 -17.56 32.12 1.52
CA ARG B 64 -16.44 32.52 0.62
C ARG B 64 -15.77 33.78 1.18
N ARG B 65 -14.45 33.70 1.39
CA ARG B 65 -13.57 34.82 1.80
C ARG B 65 -13.99 35.38 3.17
N SER B 66 -14.79 34.64 3.95
CA SER B 66 -15.17 35.02 5.34
C SER B 66 -14.05 34.62 6.29
N THR B 67 -14.13 35.10 7.53
CA THR B 67 -13.18 34.74 8.60
C THR B 67 -13.96 34.14 9.76
N ILE B 68 -13.67 32.91 10.13
CA ILE B 68 -14.37 32.21 11.27
C ILE B 68 -13.33 31.79 12.31
N TRP B 69 -12.11 32.24 12.16
CA TRP B 69 -11.02 31.83 13.09
C TRP B 69 -11.36 32.22 14.54
N HIS B 70 -10.86 31.43 15.48
CA HIS B 70 -10.99 31.62 16.94
C HIS B 70 -12.41 31.26 17.36
N SER B 71 -13.23 30.73 16.42
CA SER B 71 -14.64 30.38 16.71
C SER B 71 -14.72 28.97 17.34
N THR B 72 -15.82 28.70 18.04
CA THR B 72 -16.12 27.38 18.62
C THR B 72 -17.50 26.95 18.16
N PHE B 73 -17.59 25.76 17.59
CA PHE B 73 -18.84 25.14 17.10
C PHE B 73 -19.01 23.80 17.79
N THR B 74 -20.05 23.64 18.61
CA THR B 74 -20.32 22.36 19.30
C THR B 74 -21.67 21.84 18.83
N ASN B 75 -21.70 20.57 18.41
CA ASN B 75 -22.94 19.85 18.01
C ASN B 75 -23.67 20.68 16.96
N CYS B 76 -22.93 21.26 16.00
CA CYS B 76 -23.49 22.11 14.92
C CYS B 76 -23.56 21.35 13.59
N SER B 77 -24.40 21.81 12.65
CA SER B 77 -24.46 21.32 11.24
C SER B 77 -23.97 22.43 10.31
N LEU B 78 -23.14 22.07 9.31
CA LEU B 78 -22.65 22.94 8.21
C LEU B 78 -23.18 22.42 6.87
N LEU B 79 -24.27 21.64 6.88
CA LEU B 79 -24.78 20.91 5.69
C LEU B 79 -24.68 21.76 4.41
N GLY B 80 -23.93 21.32 3.40
CA GLY B 80 -23.89 21.92 2.05
C GLY B 80 -23.25 23.31 2.00
N SER B 81 -22.70 23.82 3.10
CA SER B 81 -22.15 25.21 3.12
C SER B 81 -20.79 25.28 2.39
N VAL B 82 -20.44 26.44 1.83
CA VAL B 82 -19.24 26.62 0.93
C VAL B 82 -18.21 27.49 1.63
N PHE B 83 -16.97 26.98 1.76
CA PHE B 83 -15.91 27.59 2.60
C PHE B 83 -14.68 27.98 1.78
N THR B 84 -14.82 28.13 0.46
CA THR B 84 -13.71 28.54 -0.44
C THR B 84 -13.07 29.84 0.09
N GLU B 85 -11.75 29.83 0.32
CA GLU B 85 -10.93 30.99 0.73
C GLU B 85 -11.37 31.52 2.10
N CYS B 86 -12.07 30.72 2.90
CA CYS B 86 -12.47 31.08 4.28
C CYS B 86 -11.22 30.94 5.16
N ARG B 87 -10.95 31.93 6.02
CA ARG B 87 -9.91 31.85 7.07
C ARG B 87 -10.55 31.14 8.27
N ILE B 88 -10.21 29.86 8.44
CA ILE B 88 -10.84 28.92 9.39
C ILE B 88 -9.98 28.78 10.64
N ARG B 89 -8.68 28.50 10.50
CA ARG B 89 -7.82 28.09 11.64
C ARG B 89 -7.24 29.31 12.36
N PRO B 90 -7.07 29.25 13.71
CA PRO B 90 -7.42 28.08 14.50
C PRO B 90 -8.93 28.08 14.81
N VAL B 91 -9.47 26.91 15.05
CA VAL B 91 -10.95 26.74 15.23
C VAL B 91 -11.20 25.55 16.14
N THR B 92 -12.39 25.50 16.76
CA THR B 92 -12.81 24.34 17.59
C THR B 92 -14.10 23.83 16.98
N PHE B 93 -14.08 22.59 16.48
CA PHE B 93 -15.27 21.82 16.03
C PHE B 93 -15.40 20.61 16.97
N VAL B 94 -16.54 20.49 17.64
CA VAL B 94 -16.85 19.37 18.57
C VAL B 94 -18.09 18.68 18.01
N GLU B 95 -17.94 17.46 17.48
CA GLU B 95 -19.06 16.58 17.08
C GLU B 95 -20.00 17.34 16.15
N CYS B 96 -19.46 17.89 15.07
CA CYS B 96 -20.18 18.68 14.06
C CYS B 96 -20.45 17.82 12.83
N ASP B 97 -21.40 18.26 12.00
CA ASP B 97 -21.79 17.57 10.76
C ASP B 97 -21.50 18.46 9.56
N PHE B 98 -20.59 18.06 8.70
CA PHE B 98 -20.18 18.83 7.48
C PHE B 98 -20.72 18.22 6.19
N THR B 99 -21.70 17.33 6.25
CA THR B 99 -22.22 16.64 5.04
C THR B 99 -22.34 17.62 3.86
N LEU B 100 -21.80 17.23 2.70
CA LEU B 100 -21.86 17.98 1.41
C LEU B 100 -21.24 19.39 1.52
N ALA B 101 -20.51 19.72 2.58
CA ALA B 101 -19.83 21.04 2.66
C ALA B 101 -18.68 21.08 1.65
N VAL B 102 -18.34 22.25 1.14
CA VAL B 102 -17.23 22.44 0.16
C VAL B 102 -16.07 23.14 0.87
N LEU B 103 -14.96 22.42 1.05
CA LEU B 103 -13.74 22.88 1.74
C LEU B 103 -12.54 22.74 0.79
N GLY B 104 -12.79 22.70 -0.51
CA GLY B 104 -11.77 22.66 -1.55
C GLY B 104 -10.73 23.76 -1.33
N GLY B 105 -9.46 23.38 -1.28
CA GLY B 105 -8.33 24.32 -1.20
C GLY B 105 -8.18 24.98 0.16
N CYS B 106 -8.97 24.61 1.16
CA CYS B 106 -8.95 25.26 2.50
C CYS B 106 -7.73 24.79 3.30
N ASP B 107 -7.20 25.69 4.12
CA ASP B 107 -6.09 25.41 5.06
C ASP B 107 -6.69 24.86 6.36
N LEU B 108 -6.59 23.55 6.56
CA LEU B 108 -7.12 22.88 7.76
C LEU B 108 -5.97 22.18 8.49
N ARG B 109 -4.75 22.67 8.31
CA ARG B 109 -3.58 22.06 8.98
C ARG B 109 -3.82 22.05 10.49
N ALA B 110 -3.63 20.88 11.10
CA ALA B 110 -3.63 20.67 12.57
C ALA B 110 -5.01 20.95 13.13
N VAL B 111 -6.04 21.01 12.30
CA VAL B 111 -7.44 21.16 12.81
C VAL B 111 -7.94 19.81 13.34
N ASP B 112 -8.68 19.82 14.44
CA ASP B 112 -9.29 18.61 15.05
C ASP B 112 -10.75 18.48 14.55
N LEU B 113 -11.01 17.49 13.69
CA LEU B 113 -12.37 17.12 13.22
C LEU B 113 -12.72 15.73 13.75
N SER B 114 -12.16 15.33 14.89
CA SER B 114 -12.48 14.03 15.53
C SER B 114 -14.00 13.95 15.76
N ASP B 115 -14.58 12.78 15.48
CA ASP B 115 -16.00 12.47 15.77
C ASP B 115 -16.93 13.36 14.97
N CYS B 116 -16.44 13.96 13.88
CA CYS B 116 -17.27 14.79 12.98
C CYS B 116 -17.75 13.95 11.79
N ARG B 117 -18.95 14.26 11.27
CA ARG B 117 -19.48 13.63 10.04
C ARG B 117 -19.00 14.44 8.84
N LEU B 118 -18.23 13.85 7.95
CA LEU B 118 -17.70 14.52 6.73
C LEU B 118 -18.08 13.72 5.49
N ARG B 119 -19.32 13.28 5.41
CA ARG B 119 -19.86 12.55 4.24
C ARG B 119 -20.00 13.48 3.02
N GLU B 120 -19.49 13.06 1.88
CA GLU B 120 -19.62 13.72 0.56
C GLU B 120 -19.12 15.16 0.64
N VAL B 121 -18.14 15.43 1.50
CA VAL B 121 -17.51 16.79 1.57
C VAL B 121 -16.52 16.91 0.42
N SER B 122 -16.36 18.10 -0.12
CA SER B 122 -15.27 18.38 -1.08
C SER B 122 -14.04 18.84 -0.29
N LEU B 123 -12.96 18.07 -0.36
CA LEU B 123 -11.64 18.41 0.23
C LEU B 123 -10.61 18.48 -0.90
N VAL B 124 -11.03 18.74 -2.12
CA VAL B 124 -10.10 18.78 -3.29
C VAL B 124 -9.05 19.85 -2.99
N GLY B 125 -7.77 19.48 -3.08
CA GLY B 125 -6.64 20.38 -2.81
C GLY B 125 -6.67 20.98 -1.40
N ALA B 126 -7.47 20.43 -0.46
CA ALA B 126 -7.48 20.87 0.95
C ALA B 126 -6.15 20.47 1.62
N ASP B 127 -5.67 21.31 2.53
CA ASP B 127 -4.45 21.01 3.32
C ASP B 127 -4.92 20.55 4.71
N LEU B 128 -4.80 19.25 4.97
CA LEU B 128 -5.13 18.63 6.27
C LEU B 128 -3.87 18.06 6.90
N ARG B 129 -2.69 18.58 6.59
CA ARG B 129 -1.48 18.00 7.21
C ARG B 129 -1.55 18.17 8.72
N LYS B 130 -1.24 17.08 9.42
CA LYS B 130 -1.27 16.97 10.90
C LYS B 130 -2.67 17.24 11.46
N ALA B 131 -3.72 17.29 10.63
CA ALA B 131 -5.10 17.33 11.18
C ALA B 131 -5.37 16.08 12.04
N VAL B 132 -6.30 16.18 12.98
CA VAL B 132 -6.76 15.04 13.82
C VAL B 132 -8.16 14.70 13.31
N LEU B 133 -8.29 13.55 12.67
CA LEU B 133 -9.54 13.06 12.05
C LEU B 133 -9.82 11.67 12.62
N ARG B 134 -9.92 11.59 13.95
CA ARG B 134 -10.13 10.29 14.64
C ARG B 134 -11.63 10.04 14.70
N ARG B 135 -12.07 8.85 14.29
CA ARG B 135 -13.46 8.35 14.45
C ARG B 135 -14.42 9.24 13.66
N ALA B 136 -13.93 9.91 12.62
CA ALA B 136 -14.77 10.70 11.68
C ALA B 136 -15.33 9.75 10.61
N ASP B 137 -16.27 10.24 9.81
CA ASP B 137 -16.78 9.52 8.62
C ASP B 137 -16.51 10.39 7.39
N LEU B 138 -15.64 9.93 6.48
CA LEU B 138 -15.26 10.66 5.24
C LEU B 138 -15.82 9.96 4.00
N THR B 139 -16.78 9.03 4.11
CA THR B 139 -17.26 8.27 2.94
C THR B 139 -17.91 9.24 1.95
N GLY B 140 -17.64 9.04 0.65
CA GLY B 140 -18.22 9.81 -0.45
C GLY B 140 -17.48 11.12 -0.67
N SER B 141 -16.50 11.44 0.18
N SER B 141 -16.51 11.45 0.18
CA SER B 141 -15.74 12.72 0.12
CA SER B 141 -15.77 12.73 0.08
C SER B 141 -14.83 12.72 -1.11
C SER B 141 -14.90 12.71 -1.16
N ARG B 142 -14.64 13.90 -1.70
CA ARG B 142 -13.78 14.11 -2.88
C ARG B 142 -12.44 14.60 -2.34
N VAL B 143 -11.38 13.82 -2.47
CA VAL B 143 -10.08 14.09 -1.78
C VAL B 143 -8.95 14.19 -2.81
N GLN B 144 -9.26 14.42 -4.09
CA GLN B 144 -8.20 14.62 -5.13
C GLN B 144 -7.26 15.72 -4.63
N ASP B 145 -5.95 15.46 -4.64
CA ASP B 145 -4.90 16.44 -4.29
C ASP B 145 -5.01 16.88 -2.82
N ALA B 146 -5.80 16.22 -1.97
CA ALA B 146 -5.88 16.53 -0.53
C ALA B 146 -4.58 16.09 0.15
N ARG B 147 -4.02 16.95 1.00
CA ARG B 147 -2.78 16.69 1.75
C ARG B 147 -3.16 16.15 3.14
N LEU B 148 -2.92 14.86 3.40
CA LEU B 148 -3.27 14.22 4.70
C LEU B 148 -1.97 13.74 5.34
N GLU B 149 -0.81 14.25 4.91
CA GLU B 149 0.47 13.79 5.49
C GLU B 149 0.45 14.05 7.00
N GLU B 150 0.77 13.00 7.76
CA GLU B 150 0.91 12.99 9.23
C GLU B 150 -0.42 13.36 9.90
N ALA B 151 -1.54 13.28 9.20
CA ALA B 151 -2.88 13.37 9.81
C ALA B 151 -3.09 12.11 10.65
N ASP B 152 -3.85 12.21 11.73
CA ASP B 152 -4.30 11.05 12.52
C ASP B 152 -5.68 10.64 11.99
N LEU B 153 -5.77 9.50 11.32
CA LEU B 153 -7.01 9.00 10.70
C LEU B 153 -7.61 7.82 11.49
N ARG B 154 -7.00 7.43 12.61
CA ARG B 154 -7.40 6.19 13.31
C ARG B 154 -8.91 6.23 13.63
N GLY B 155 -9.62 5.15 13.25
CA GLY B 155 -11.03 4.94 13.54
C GLY B 155 -11.93 5.54 12.49
N THR B 156 -11.37 6.26 11.52
CA THR B 156 -12.14 7.04 10.54
C THR B 156 -12.61 6.11 9.40
N ARG B 157 -13.87 6.23 9.00
CA ARG B 157 -14.42 5.48 7.85
C ARG B 157 -14.09 6.23 6.57
N VAL B 158 -13.47 5.56 5.60
CA VAL B 158 -13.10 6.16 4.28
C VAL B 158 -13.44 5.16 3.17
N ASP B 159 -13.73 5.65 1.98
CA ASP B 159 -13.92 4.79 0.78
C ASP B 159 -12.56 4.18 0.45
N PRO B 160 -12.52 2.94 -0.10
CA PRO B 160 -11.28 2.40 -0.67
C PRO B 160 -10.50 3.40 -1.55
N THR B 161 -11.19 4.17 -2.38
N THR B 161 -11.15 4.20 -2.42
CA THR B 161 -10.60 5.17 -3.32
CA THR B 161 -10.44 5.13 -3.33
C THR B 161 -9.80 6.25 -2.56
C THR B 161 -9.71 6.22 -2.53
N PHE B 162 -10.11 6.48 -1.28
CA PHE B 162 -9.44 7.48 -0.41
C PHE B 162 -7.93 7.17 -0.41
N TRP B 163 -7.58 5.90 -0.30
CA TRP B 163 -6.19 5.40 -0.08
C TRP B 163 -5.36 5.56 -1.35
N THR B 164 -5.97 5.69 -2.54
CA THR B 164 -5.25 5.85 -3.82
C THR B 164 -5.43 7.29 -4.32
N THR B 165 -6.11 8.16 -3.58
CA THR B 165 -6.42 9.55 -4.01
C THR B 165 -5.74 10.56 -3.06
N ALA B 166 -5.93 10.45 -1.75
CA ALA B 166 -5.43 11.42 -0.77
C ALA B 166 -3.94 11.14 -0.54
N LYS B 167 -3.15 12.16 -0.22
CA LYS B 167 -1.69 12.02 0.04
C LYS B 167 -1.53 11.73 1.53
N VAL B 168 -1.19 10.50 1.86
CA VAL B 168 -1.34 9.99 3.27
C VAL B 168 0.00 9.56 3.84
N ARG B 169 1.13 9.90 3.20
CA ARG B 169 2.44 9.49 3.77
C ARG B 169 2.51 10.00 5.21
N GLY B 170 2.90 9.15 6.16
CA GLY B 170 3.09 9.58 7.56
C GLY B 170 1.79 9.62 8.34
N ALA B 171 0.64 9.44 7.70
CA ALA B 171 -0.65 9.40 8.40
C ALA B 171 -0.67 8.21 9.36
N LYS B 172 -1.30 8.42 10.52
CA LYS B 172 -1.51 7.38 11.55
C LYS B 172 -2.79 6.65 11.20
N ILE B 173 -2.71 5.35 10.98
CA ILE B 173 -3.92 4.54 10.63
C ILE B 173 -3.96 3.30 11.52
N ASP B 174 -5.11 2.63 11.57
CA ASP B 174 -5.33 1.41 12.38
C ASP B 174 -5.24 0.20 11.46
N ILE B 175 -5.39 -0.98 12.04
CA ILE B 175 -5.18 -2.28 11.35
C ILE B 175 -6.16 -2.37 10.17
N GLU B 176 -7.43 -2.11 10.43
CA GLU B 176 -8.50 -2.23 9.40
C GLU B 176 -8.14 -1.30 8.23
N GLN B 177 -7.71 -0.08 8.52
CA GLN B 177 -7.32 0.92 7.48
C GLN B 177 -6.12 0.40 6.69
N ALA B 178 -5.16 -0.24 7.36
CA ALA B 178 -3.94 -0.74 6.69
C ALA B 178 -4.33 -1.84 5.69
N LEU B 179 -5.23 -2.73 6.10
CA LEU B 179 -5.73 -3.84 5.24
C LEU B 179 -6.44 -3.22 4.03
N ALA B 180 -7.23 -2.17 4.27
CA ALA B 180 -8.04 -1.49 3.21
C ALA B 180 -7.09 -0.78 2.24
N TYR B 181 -6.03 -0.16 2.75
CA TYR B 181 -4.98 0.51 1.95
C TYR B 181 -4.37 -0.49 0.95
N ALA B 182 -4.00 -1.67 1.43
CA ALA B 182 -3.37 -2.71 0.59
C ALA B 182 -4.35 -3.14 -0.51
N ALA B 183 -5.58 -3.44 -0.12
CA ALA B 183 -6.64 -3.89 -1.04
C ALA B 183 -6.93 -2.80 -2.09
N ALA B 184 -6.93 -1.52 -1.70
CA ALA B 184 -7.21 -0.39 -2.59
C ALA B 184 -6.12 -0.26 -3.67
N HIS B 185 -4.93 -0.75 -3.38
CA HIS B 185 -3.76 -0.76 -4.30
C HIS B 185 -3.73 -2.05 -5.13
N GLY B 186 -4.76 -2.88 -5.06
CA GLY B 186 -4.92 -4.04 -5.96
C GLY B 186 -4.34 -5.33 -5.36
N LEU B 187 -3.93 -5.34 -4.08
CA LEU B 187 -3.46 -6.60 -3.42
C LEU B 187 -4.69 -7.42 -3.04
N ALA B 188 -4.64 -8.74 -3.22
CA ALA B 188 -5.73 -9.67 -2.83
C ALA B 188 -5.42 -10.14 -1.40
N VAL B 189 -6.02 -9.48 -0.42
CA VAL B 189 -5.69 -9.68 1.02
C VAL B 189 -6.55 -10.81 1.57
N HIS B 190 -5.90 -11.83 2.12
CA HIS B 190 -6.54 -13.07 2.65
C HIS B 190 -6.39 -13.12 4.19
N GLY B 191 -7.41 -13.62 4.90
CA GLY B 191 -7.42 -13.85 6.36
C GLY B 191 -7.98 -12.64 7.11
#